data_3TLQ
#
_entry.id   3TLQ
#
_cell.length_a   49.576
_cell.length_b   50.348
_cell.length_c   111.072
_cell.angle_alpha   90.00
_cell.angle_beta   98.62
_cell.angle_gamma   90.00
#
_symmetry.space_group_name_H-M   'P 1 21 1'
#
loop_
_entity.id
_entity.type
_entity.pdbx_description
1 polymer 'Regulatory protein YdiV'
2 non-polymer 'PHOSPHATE ION'
3 non-polymer GLYCEROL
4 water water
#
_entity_poly.entity_id   1
_entity_poly.type   'polypeptide(L)'
_entity_poly.pdbx_seq_one_letter_code
;GPLGSMKIFLENLYHSDCYFLPIRDNQQVLVGVELITHFSSEDGTVRIPTSRVIAQLTEEQHWQLFSEQLELLKSCQHFF
IQHKLFAWLNLTPQVATLLLERDNYAGELLKYPFIELLINENYPHLNEGKDNRGLLSLSQVYPLVLGNLGAGNSTMKAVF
DGLFTRVMLDKSFIQQQITHRSFEPFIRAIQAQISPCCNCIIAGGIDTAEILAQITPFDFHALQGCLWPAVPINQITTLV
QR
;
_entity_poly.pdbx_strand_id   A,B
#
# COMPACT_ATOMS: atom_id res chain seq x y z
N LYS A 7 1.86 30.58 20.19
CA LYS A 7 2.63 29.36 19.95
C LYS A 7 2.11 28.17 20.74
N ILE A 8 1.24 28.43 21.72
CA ILE A 8 0.67 27.37 22.55
C ILE A 8 -0.65 26.83 22.00
N PHE A 9 -1.45 27.71 21.41
CA PHE A 9 -2.72 27.32 20.82
C PHE A 9 -3.57 26.58 21.84
N LEU A 10 -4.09 25.41 21.49
CA LEU A 10 -4.97 24.68 22.40
C LEU A 10 -4.22 23.69 23.29
N GLU A 11 -2.89 23.69 23.21
CA GLU A 11 -2.11 22.66 23.90
C GLU A 11 -2.13 22.73 25.43
N ASN A 12 -2.64 23.82 25.98
CA ASN A 12 -2.83 23.92 27.43
C ASN A 12 -4.10 23.23 27.89
N LEU A 13 -4.99 22.87 26.96
CA LEU A 13 -6.25 22.21 27.31
C LEU A 13 -6.32 20.75 26.89
N TYR A 14 -5.86 20.46 25.68
CA TYR A 14 -5.83 19.11 25.14
C TYR A 14 -4.58 18.98 24.30
N HIS A 15 -3.99 17.79 24.32
CA HIS A 15 -2.83 17.56 23.48
C HIS A 15 -3.28 16.95 22.17
N SER A 16 -2.81 17.53 21.05
CA SER A 16 -3.12 17.01 19.73
C SER A 16 -2.01 16.05 19.29
N ASP A 17 -2.34 14.78 19.08
CA ASP A 17 -1.38 13.82 18.52
C ASP A 17 -1.80 13.59 17.08
N CYS A 18 -1.07 14.18 16.15
CA CYS A 18 -1.55 14.31 14.78
C CYS A 18 -1.01 13.28 13.81
N TYR A 19 -1.85 12.95 12.86
CA TYR A 19 -1.55 11.93 11.86
C TYR A 19 -1.99 12.42 10.51
N PHE A 20 -1.37 11.90 9.45
CA PHE A 20 -1.82 12.15 8.09
C PHE A 20 -2.46 10.90 7.52
N LEU A 21 -3.67 11.06 6.97
CA LEU A 21 -4.31 9.99 6.23
C LEU A 21 -3.93 10.17 4.76
N PRO A 22 -3.22 9.20 4.19
CA PRO A 22 -2.80 9.27 2.78
C PRO A 22 -3.98 9.27 1.80
N ILE A 23 -3.92 10.15 0.81
CA ILE A 23 -4.89 10.11 -0.28
C ILE A 23 -4.11 9.84 -1.55
N ARG A 24 -4.42 8.72 -2.21
CA ARG A 24 -3.64 8.29 -3.34
C ARG A 24 -4.50 8.20 -4.58
N ASP A 25 -3.90 8.46 -5.76
CA ASP A 25 -4.67 8.43 -6.99
C ASP A 25 -4.89 6.99 -7.45
N ASN A 26 -5.54 6.82 -8.59
CA ASN A 26 -5.95 5.49 -9.03
C ASN A 26 -4.75 4.61 -9.40
N GLN A 27 -3.56 5.20 -9.45
CA GLN A 27 -2.32 4.46 -9.65
C GLN A 27 -1.51 4.38 -8.34
N GLN A 28 -2.16 4.73 -7.23
CA GLN A 28 -1.57 4.69 -5.89
C GLN A 28 -0.50 5.74 -5.63
N VAL A 29 -0.40 6.76 -6.49
CA VAL A 29 0.58 7.83 -6.27
C VAL A 29 0.00 8.81 -5.26
N LEU A 30 0.81 9.22 -4.28
CA LEU A 30 0.29 10.14 -3.25
C LEU A 30 -0.10 11.47 -3.89
N VAL A 31 -1.33 11.93 -3.63
CA VAL A 31 -1.73 13.25 -4.12
C VAL A 31 -2.09 14.22 -2.99
N GLY A 32 -2.36 13.69 -1.80
CA GLY A 32 -2.62 14.57 -0.68
C GLY A 32 -2.73 13.83 0.63
N VAL A 33 -2.95 14.57 1.71
CA VAL A 33 -3.18 13.98 3.02
C VAL A 33 -4.30 14.68 3.75
N GLU A 34 -4.99 13.94 4.62
CA GLU A 34 -5.96 14.55 5.50
C GLU A 34 -5.35 14.59 6.88
N LEU A 35 -5.37 15.77 7.51
CA LEU A 35 -4.82 15.93 8.85
C LEU A 35 -5.86 15.47 9.86
N ILE A 36 -5.51 14.47 10.67
CA ILE A 36 -6.39 14.05 11.74
C ILE A 36 -5.67 14.11 13.09
N THR A 37 -6.45 14.10 14.16
CA THR A 37 -5.88 14.26 15.49
C THR A 37 -6.46 13.21 16.42
N HIS A 38 -5.58 12.55 17.18
CA HIS A 38 -6.06 11.79 18.34
C HIS A 38 -5.74 12.64 19.59
N PHE A 39 -6.78 13.22 20.18
CA PHE A 39 -6.58 14.07 21.35
C PHE A 39 -6.38 13.25 22.62
N SER A 40 -5.52 13.76 23.49
CA SER A 40 -5.39 13.23 24.84
C SER A 40 -5.72 14.35 25.80
N SER A 41 -6.08 13.99 27.02
CA SER A 41 -6.20 14.95 28.11
C SER A 41 -4.85 15.67 28.25
N GLU A 42 -4.85 16.81 28.93
CA GLU A 42 -3.64 17.59 29.10
C GLU A 42 -2.53 16.78 29.78
N ASP A 43 -2.91 15.95 30.74
CA ASP A 43 -1.90 15.18 31.47
C ASP A 43 -1.56 13.87 30.79
N GLY A 44 -2.19 13.64 29.64
CA GLY A 44 -1.91 12.47 28.82
C GLY A 44 -2.52 11.15 29.28
N THR A 45 -3.26 11.18 30.38
CA THR A 45 -3.74 9.93 30.97
C THR A 45 -4.78 9.20 30.11
N VAL A 46 -5.56 9.96 29.35
CA VAL A 46 -6.61 9.35 28.55
C VAL A 46 -6.66 9.97 27.16
N ARG A 47 -6.97 9.13 26.18
CA ARG A 47 -7.33 9.60 24.86
C ARG A 47 -8.80 10.02 24.89
N ILE A 48 -9.11 11.17 24.29
CA ILE A 48 -10.47 11.72 24.28
C ILE A 48 -11.04 11.77 22.86
N PRO A 49 -12.24 11.19 22.67
CA PRO A 49 -12.87 11.25 21.34
C PRO A 49 -12.95 12.69 20.85
N THR A 50 -12.62 12.85 19.59
CA THR A 50 -12.58 14.17 18.97
C THR A 50 -13.91 14.91 19.11
N SER A 51 -15.01 14.19 18.97
CA SER A 51 -16.33 14.82 19.05
C SER A 51 -16.53 15.46 20.42
N ARG A 52 -15.98 14.84 21.46
CA ARG A 52 -16.14 15.35 22.80
C ARG A 52 -15.27 16.59 23.02
N VAL A 53 -14.06 16.57 22.47
CA VAL A 53 -13.19 17.73 22.50
C VAL A 53 -13.86 18.92 21.79
N ILE A 54 -14.30 18.70 20.56
CA ILE A 54 -14.87 19.79 19.74
C ILE A 54 -16.13 20.41 20.36
N ALA A 55 -16.95 19.57 20.98
CA ALA A 55 -18.19 20.01 21.61
C ALA A 55 -17.98 21.09 22.67
N GLN A 56 -16.84 21.04 23.33
CA GLN A 56 -16.54 21.89 24.48
C GLN A 56 -16.08 23.30 24.09
N LEU A 57 -15.45 23.41 22.92
CA LEU A 57 -14.69 24.60 22.58
C LEU A 57 -15.52 25.85 22.36
N THR A 58 -15.07 26.96 22.94
CA THR A 58 -15.61 28.28 22.59
C THR A 58 -15.16 28.64 21.18
N GLU A 59 -15.69 29.73 20.64
CA GLU A 59 -15.32 30.14 19.30
CA GLU A 59 -15.34 30.18 19.32
C GLU A 59 -13.83 30.45 19.19
N GLU A 60 -13.27 31.15 20.18
CA GLU A 60 -11.84 31.41 20.20
C GLU A 60 -10.99 30.14 20.28
N GLN A 61 -11.47 29.16 21.04
CA GLN A 61 -10.78 27.88 21.13
C GLN A 61 -10.87 27.12 19.82
N HIS A 62 -11.99 27.23 19.13
CA HIS A 62 -12.10 26.65 17.81
C HIS A 62 -11.02 27.26 16.90
N TRP A 63 -10.83 28.57 17.00
CA TRP A 63 -9.81 29.25 16.18
C TRP A 63 -8.39 28.81 16.56
N GLN A 64 -8.16 28.65 17.85
CA GLN A 64 -6.86 28.20 18.32
C GLN A 64 -6.54 26.81 17.79
N LEU A 65 -7.52 25.91 17.84
CA LEU A 65 -7.29 24.54 17.37
C LEU A 65 -7.00 24.54 15.87
N PHE A 66 -7.80 25.30 15.13
CA PHE A 66 -7.59 25.50 13.70
C PHE A 66 -6.20 26.09 13.44
N SER A 67 -5.82 27.10 14.23
CA SER A 67 -4.51 27.73 14.08
C SER A 67 -3.36 26.78 14.36
N GLU A 68 -3.55 25.89 15.33
CA GLU A 68 -2.51 24.94 15.67
C GLU A 68 -2.27 24.04 14.47
N GLN A 69 -3.36 23.61 13.84
CA GLN A 69 -3.27 22.71 12.70
C GLN A 69 -2.70 23.41 11.47
N LEU A 70 -3.12 24.65 11.26
CA LEU A 70 -2.57 25.49 10.22
C LEU A 70 -1.06 25.63 10.37
N GLU A 71 -0.62 25.87 11.61
CA GLU A 71 0.80 26.03 11.89
C GLU A 71 1.56 24.74 11.60
N LEU A 72 0.98 23.61 11.96
CA LEU A 72 1.57 22.32 11.62
C LEU A 72 1.75 22.18 10.12
N LEU A 73 0.71 22.49 9.35
CA LEU A 73 0.75 22.34 7.90
C LEU A 73 1.74 23.32 7.29
N LYS A 74 1.71 24.55 7.78
CA LYS A 74 2.64 25.58 7.31
C LYS A 74 4.07 25.11 7.53
N SER A 75 4.30 24.36 8.60
CA SER A 75 5.65 23.88 8.90
C SER A 75 6.10 22.84 7.89
N CYS A 76 5.14 22.22 7.20
CA CYS A 76 5.43 21.24 6.17
C CYS A 76 5.34 21.82 4.75
N GLN A 77 5.28 23.14 4.63
CA GLN A 77 4.96 23.72 3.32
C GLN A 77 5.94 23.32 2.22
N HIS A 78 7.23 23.29 2.54
CA HIS A 78 8.22 22.92 1.54
C HIS A 78 7.95 21.53 0.96
N PHE A 79 7.62 20.57 1.82
CA PHE A 79 7.32 19.22 1.40
C PHE A 79 6.08 19.17 0.50
N PHE A 80 4.98 19.78 0.94
CA PHE A 80 3.77 19.82 0.13
C PHE A 80 3.98 20.42 -1.26
N ILE A 81 4.68 21.55 -1.31
CA ILE A 81 4.88 22.21 -2.59
C ILE A 81 5.80 21.38 -3.48
N GLN A 82 6.86 20.84 -2.88
CA GLN A 82 7.85 20.07 -3.62
C GLN A 82 7.25 18.83 -4.25
N HIS A 83 6.41 18.12 -3.50
CA HIS A 83 5.79 16.89 -3.99
C HIS A 83 4.39 17.14 -4.54
N LYS A 84 4.03 18.41 -4.68
CA LYS A 84 2.77 18.79 -5.30
C LYS A 84 1.56 18.05 -4.68
N LEU A 85 1.42 18.18 -3.37
CA LEU A 85 0.34 17.54 -2.62
C LEU A 85 -0.60 18.57 -2.06
N PHE A 86 -1.83 18.14 -1.74
CA PHE A 86 -2.76 18.97 -0.99
C PHE A 86 -2.91 18.44 0.42
N ALA A 87 -3.44 19.27 1.31
CA ALA A 87 -3.71 18.87 2.70
C ALA A 87 -5.12 19.27 3.06
N TRP A 88 -5.85 18.37 3.71
CA TRP A 88 -7.18 18.71 4.20
C TRP A 88 -7.17 19.04 5.68
N LEU A 89 -7.78 20.17 5.99
CA LEU A 89 -7.87 20.73 7.32
C LEU A 89 -9.35 20.90 7.65
N ASN A 90 -9.82 20.33 8.77
CA ASN A 90 -11.24 20.42 9.15
C ASN A 90 -11.72 21.86 9.30
N LEU A 91 -12.85 22.18 8.68
CA LEU A 91 -13.49 23.49 8.87
C LEU A 91 -14.74 23.38 9.77
N THR A 92 -14.76 24.12 10.86
CA THR A 92 -15.97 24.23 11.68
C THR A 92 -16.70 25.54 11.37
N PRO A 93 -18.02 25.60 11.65
CA PRO A 93 -18.73 26.86 11.39
C PRO A 93 -18.20 28.00 12.25
N GLN A 94 -17.69 27.71 13.44
CA GLN A 94 -17.11 28.76 14.28
C GLN A 94 -15.90 29.43 13.61
N VAL A 95 -15.05 28.63 12.99
CA VAL A 95 -13.90 29.15 12.27
C VAL A 95 -14.34 29.87 10.98
N ALA A 96 -15.36 29.32 10.32
CA ALA A 96 -15.93 29.99 9.15
C ALA A 96 -16.31 31.43 9.47
N THR A 97 -17.04 31.63 10.56
CA THR A 97 -17.48 32.95 10.96
C THR A 97 -16.32 33.90 11.16
N LEU A 98 -15.25 33.41 11.80
CA LEU A 98 -14.10 34.25 12.10
C LEU A 98 -13.32 34.59 10.83
N LEU A 99 -13.19 33.62 9.92
CA LEU A 99 -12.54 33.88 8.64
C LEU A 99 -13.27 34.99 7.89
N LEU A 100 -14.60 34.93 7.89
CA LEU A 100 -15.41 35.83 7.09
C LEU A 100 -15.65 37.20 7.71
N GLU A 101 -15.63 37.27 9.03
CA GLU A 101 -16.09 38.48 9.71
C GLU A 101 -15.00 39.29 10.40
N ARG A 102 -13.75 38.82 10.35
CA ARG A 102 -12.64 39.60 10.87
C ARG A 102 -11.91 40.20 9.67
N ASP A 103 -11.14 41.26 9.90
CA ASP A 103 -10.44 41.85 8.77
C ASP A 103 -9.04 41.30 8.62
N ASN A 104 -8.69 40.30 9.43
CA ASN A 104 -7.31 39.80 9.41
C ASN A 104 -7.13 38.33 9.80
N TYR A 105 -8.17 37.52 9.64
CA TYR A 105 -8.03 36.08 9.93
C TYR A 105 -7.81 35.28 8.66
N ALA A 106 -8.41 35.75 7.57
CA ALA A 106 -8.49 34.97 6.34
C ALA A 106 -7.14 34.85 5.63
N GLY A 107 -6.26 35.81 5.87
CA GLY A 107 -5.01 35.93 5.14
C GLY A 107 -4.01 34.78 5.22
N GLU A 108 -3.74 34.26 6.41
CA GLU A 108 -2.70 33.23 6.51
C GLU A 108 -3.07 31.97 5.75
N LEU A 109 -4.31 31.54 5.91
CA LEU A 109 -4.80 30.38 5.17
C LEU A 109 -4.61 30.59 3.66
N LEU A 110 -4.95 31.79 3.20
CA LEU A 110 -4.94 32.08 1.78
C LEU A 110 -3.56 31.87 1.14
N LYS A 111 -2.50 32.23 1.86
CA LYS A 111 -1.11 32.15 1.38
C LYS A 111 -0.61 30.72 1.17
N TYR A 112 -1.35 29.75 1.66
CA TYR A 112 -0.98 28.36 1.52
C TYR A 112 -2.07 27.61 0.76
N PRO A 113 -2.08 27.74 -0.57
CA PRO A 113 -3.22 27.22 -1.35
C PRO A 113 -3.25 25.71 -1.44
N PHE A 114 -2.20 25.01 -1.01
CA PHE A 114 -2.28 23.56 -0.93
C PHE A 114 -3.16 23.09 0.23
N ILE A 115 -3.52 24.01 1.12
CA ILE A 115 -4.38 23.69 2.25
C ILE A 115 -5.84 23.89 1.84
N GLU A 116 -6.65 22.86 2.07
CA GLU A 116 -8.04 22.87 1.63
C GLU A 116 -8.95 22.64 2.84
N LEU A 117 -10.07 23.35 2.88
CA LEU A 117 -11.00 23.31 4.00
C LEU A 117 -11.95 22.13 3.84
N LEU A 118 -12.01 21.28 4.85
CA LEU A 118 -12.77 20.03 4.78
C LEU A 118 -14.02 20.14 5.64
N ILE A 119 -15.18 19.86 5.05
CA ILE A 119 -16.37 19.81 5.87
C ILE A 119 -17.06 18.48 5.66
N ASN A 120 -18.05 18.17 6.48
CA ASN A 120 -18.81 16.95 6.31
C ASN A 120 -20.29 17.28 6.17
N GLU A 121 -21.09 16.27 5.88
CA GLU A 121 -22.52 16.47 5.61
C GLU A 121 -23.29 17.01 6.81
N ASN A 122 -22.68 16.98 7.99
CA ASN A 122 -23.31 17.57 9.18
C ASN A 122 -23.05 19.08 9.33
N TYR A 123 -22.29 19.68 8.43
CA TYR A 123 -22.08 21.13 8.49
C TYR A 123 -23.45 21.85 8.47
N PRO A 124 -23.65 22.81 9.39
CA PRO A 124 -24.93 23.49 9.59
C PRO A 124 -25.47 24.13 8.33
N HIS A 125 -26.69 23.76 7.94
CA HIS A 125 -27.36 24.36 6.80
C HIS A 125 -26.68 24.08 5.47
N LEU A 126 -25.96 22.96 5.41
CA LEU A 126 -25.36 22.55 4.14
C LEU A 126 -26.41 22.34 3.04
N ASN A 127 -27.61 21.92 3.43
CA ASN A 127 -28.70 21.73 2.45
C ASN A 127 -29.11 23.01 1.72
N GLU A 128 -28.68 24.15 2.22
CA GLU A 128 -28.94 25.42 1.53
C GLU A 128 -28.08 25.58 0.27
N GLY A 129 -27.02 24.79 0.16
CA GLY A 129 -26.14 24.88 -0.99
C GLY A 129 -25.54 26.28 -1.07
N LYS A 130 -25.56 26.86 -2.27
CA LYS A 130 -25.02 28.20 -2.47
C LYS A 130 -25.77 29.27 -1.66
N ASP A 131 -26.92 28.91 -1.11
CA ASP A 131 -27.66 29.84 -0.25
C ASP A 131 -27.13 29.87 1.19
N ASN A 132 -26.20 28.98 1.49
CA ASN A 132 -25.48 29.07 2.75
C ASN A 132 -24.42 30.16 2.56
N ARG A 133 -24.62 31.32 3.17
CA ARG A 133 -23.82 32.51 2.85
C ARG A 133 -22.34 32.29 3.12
N GLY A 134 -22.04 31.70 4.27
CA GLY A 134 -20.68 31.44 4.67
C GLY A 134 -19.95 30.49 3.75
N LEU A 135 -20.59 29.39 3.39
CA LEU A 135 -19.96 28.42 2.49
C LEU A 135 -19.74 28.99 1.09
N LEU A 136 -20.72 29.74 0.59
CA LEU A 136 -20.54 30.37 -0.71
C LEU A 136 -19.34 31.30 -0.66
N SER A 137 -19.28 32.16 0.34
CA SER A 137 -18.17 33.10 0.42
C SER A 137 -16.80 32.42 0.54
N LEU A 138 -16.68 31.42 1.42
CA LEU A 138 -15.41 30.73 1.53
C LEU A 138 -15.02 30.03 0.23
N SER A 139 -16.03 29.49 -0.48
CA SER A 139 -15.77 28.73 -1.71
C SER A 139 -15.28 29.64 -2.84
N GLN A 140 -15.50 30.94 -2.68
CA GLN A 140 -15.09 31.89 -3.69
C GLN A 140 -13.59 32.06 -3.72
N VAL A 141 -12.92 31.75 -2.62
CA VAL A 141 -11.46 31.93 -2.58
C VAL A 141 -10.67 30.74 -2.05
N TYR A 142 -11.29 29.87 -1.26
CA TYR A 142 -10.55 28.71 -0.72
C TYR A 142 -11.02 27.42 -1.38
N PRO A 143 -10.12 26.44 -1.49
CA PRO A 143 -10.58 25.12 -1.92
C PRO A 143 -11.41 24.50 -0.81
N LEU A 144 -12.61 24.04 -1.15
CA LEU A 144 -13.55 23.46 -0.19
C LEU A 144 -13.73 21.99 -0.56
N VAL A 145 -13.78 21.12 0.44
CA VAL A 145 -13.91 19.70 0.20
C VAL A 145 -15.03 19.13 1.05
N LEU A 146 -15.89 18.33 0.43
CA LEU A 146 -16.89 17.59 1.18
C LEU A 146 -16.34 16.17 1.40
N GLY A 147 -16.11 15.83 2.66
CA GLY A 147 -15.40 14.60 2.99
C GLY A 147 -16.23 13.34 3.09
N ASN A 148 -17.56 13.44 3.07
CA ASN A 148 -18.39 12.25 3.28
C ASN A 148 -19.71 12.26 2.52
N LEU A 149 -19.65 12.63 1.25
CA LEU A 149 -20.80 12.47 0.36
C LEU A 149 -21.28 11.01 0.40
N GLY A 150 -22.58 10.81 0.48
CA GLY A 150 -23.09 9.45 0.56
C GLY A 150 -23.33 9.01 1.99
N ALA A 151 -23.10 9.90 2.95
CA ALA A 151 -23.32 9.55 4.35
C ALA A 151 -24.81 9.62 4.71
N GLY A 152 -25.62 10.20 3.83
CA GLY A 152 -27.06 10.25 4.03
C GLY A 152 -27.53 11.33 4.99
N ASN A 153 -26.68 12.32 5.23
CA ASN A 153 -26.97 13.38 6.20
C ASN A 153 -27.26 14.74 5.55
N SER A 154 -27.10 14.81 4.24
CA SER A 154 -27.51 16.03 3.52
C SER A 154 -27.89 15.69 2.10
N THR A 155 -28.52 16.64 1.42
CA THR A 155 -28.72 16.52 -0.02
C THR A 155 -27.45 16.89 -0.76
N MET A 156 -27.47 16.71 -2.07
CA MET A 156 -26.35 17.10 -2.90
C MET A 156 -26.48 18.51 -3.46
N LYS A 157 -27.36 19.32 -2.89
CA LYS A 157 -27.56 20.67 -3.42
C LYS A 157 -26.22 21.43 -3.44
N ALA A 158 -25.46 21.33 -2.35
CA ALA A 158 -24.20 22.06 -2.28
C ALA A 158 -23.23 21.58 -3.35
N VAL A 159 -23.30 20.29 -3.69
CA VAL A 159 -22.44 19.76 -4.74
C VAL A 159 -22.84 20.33 -6.11
N PHE A 160 -24.13 20.24 -6.44
CA PHE A 160 -24.59 20.71 -7.74
C PHE A 160 -24.57 22.23 -7.83
N ASP A 161 -24.55 22.89 -6.68
CA ASP A 161 -24.38 24.35 -6.66
C ASP A 161 -22.92 24.74 -6.92
N GLY A 162 -22.02 23.76 -6.95
CA GLY A 162 -20.65 24.02 -7.37
C GLY A 162 -19.71 24.52 -6.29
N LEU A 163 -20.03 24.25 -5.04
CA LEU A 163 -19.24 24.76 -3.93
C LEU A 163 -17.89 24.05 -3.75
N PHE A 164 -17.80 22.79 -4.13
CA PHE A 164 -16.60 22.00 -3.80
C PHE A 164 -15.54 21.84 -4.88
N THR A 165 -14.28 21.84 -4.44
CA THR A 165 -13.14 21.56 -5.29
C THR A 165 -12.92 20.04 -5.40
N ARG A 166 -13.21 19.34 -4.31
CA ARG A 166 -13.18 17.88 -4.30
C ARG A 166 -14.34 17.38 -3.46
N VAL A 167 -14.84 16.19 -3.79
CA VAL A 167 -15.84 15.54 -2.96
C VAL A 167 -15.38 14.10 -2.73
N MET A 168 -15.47 13.63 -1.49
CA MET A 168 -15.12 12.26 -1.19
C MET A 168 -16.37 11.47 -0.83
N LEU A 169 -16.55 10.33 -1.47
CA LEU A 169 -17.67 9.44 -1.19
C LEU A 169 -17.36 8.63 0.05
N ASP A 170 -18.26 8.68 1.01
CA ASP A 170 -18.06 8.04 2.30
C ASP A 170 -17.83 6.54 2.20
N LYS A 171 -17.01 6.02 3.10
CA LYS A 171 -16.77 4.59 3.18
C LYS A 171 -18.07 3.78 3.24
N SER A 172 -19.05 4.27 3.98
CA SER A 172 -20.31 3.55 4.11
C SER A 172 -21.02 3.42 2.76
N PHE A 173 -20.91 4.44 1.91
CA PHE A 173 -21.57 4.40 0.61
C PHE A 173 -20.84 3.48 -0.35
N ILE A 174 -19.51 3.61 -0.40
CA ILE A 174 -18.71 2.79 -1.27
C ILE A 174 -18.86 1.31 -0.89
N GLN A 175 -18.77 1.00 0.39
CA GLN A 175 -18.80 -0.40 0.82
C GLN A 175 -20.18 -1.04 0.67
N GLN A 176 -21.22 -0.25 0.88
CA GLN A 176 -22.58 -0.73 0.66
C GLN A 176 -22.77 -1.17 -0.79
N GLN A 177 -22.31 -0.36 -1.74
CA GLN A 177 -22.53 -0.67 -3.16
C GLN A 177 -21.63 -1.82 -3.65
N ILE A 178 -20.46 -1.96 -3.04
CA ILE A 178 -19.54 -3.04 -3.44
C ILE A 178 -19.93 -4.37 -2.79
N THR A 179 -20.35 -4.31 -1.53
CA THR A 179 -20.82 -5.49 -0.83
C THR A 179 -22.07 -6.09 -1.46
N HIS A 180 -23.00 -5.23 -1.87
CA HIS A 180 -24.19 -5.69 -2.57
C HIS A 180 -23.94 -5.39 -4.03
N ARG A 181 -23.27 -6.35 -4.67
CA ARG A 181 -22.59 -6.11 -5.93
C ARG A 181 -23.50 -5.59 -7.05
N SER A 182 -24.77 -5.96 -7.01
CA SER A 182 -25.68 -5.53 -8.07
C SER A 182 -25.90 -4.01 -8.02
N PHE A 183 -25.50 -3.37 -6.94
CA PHE A 183 -25.63 -1.92 -6.80
C PHE A 183 -24.39 -1.14 -7.27
N GLU A 184 -23.36 -1.84 -7.74
CA GLU A 184 -22.19 -1.09 -8.23
C GLU A 184 -22.50 -0.04 -9.31
N PRO A 185 -23.45 -0.35 -10.20
CA PRO A 185 -23.82 0.69 -11.19
C PRO A 185 -24.30 2.01 -10.56
N PHE A 186 -24.82 1.97 -9.34
CA PHE A 186 -25.25 3.17 -8.63
C PHE A 186 -24.04 4.10 -8.42
N ILE A 187 -22.89 3.52 -8.09
CA ILE A 187 -21.68 4.33 -7.95
C ILE A 187 -21.36 5.03 -9.26
N ARG A 188 -21.44 4.27 -10.36
CA ARG A 188 -21.14 4.82 -11.67
C ARG A 188 -22.10 5.96 -12.02
N ALA A 189 -23.39 5.75 -11.74
CA ALA A 189 -24.37 6.80 -12.06
C ALA A 189 -24.13 8.07 -11.24
N ILE A 190 -23.83 7.89 -9.96
CA ILE A 190 -23.59 9.02 -9.07
C ILE A 190 -22.35 9.79 -9.55
N GLN A 191 -21.28 9.05 -9.77
CA GLN A 191 -20.04 9.61 -10.24
C GLN A 191 -20.22 10.43 -11.53
N ALA A 192 -20.92 9.87 -12.51
CA ALA A 192 -21.17 10.55 -13.78
C ALA A 192 -21.93 11.86 -13.60
N GLN A 193 -22.87 11.88 -12.68
CA GLN A 193 -23.70 13.06 -12.50
C GLN A 193 -22.93 14.17 -11.79
N ILE A 194 -22.01 13.80 -10.91
CA ILE A 194 -21.27 14.79 -10.11
C ILE A 194 -20.08 15.38 -10.86
N SER A 195 -19.49 14.60 -11.75
CA SER A 195 -18.21 14.97 -12.37
C SER A 195 -18.18 16.36 -13.01
N PRO A 196 -19.26 16.75 -13.71
CA PRO A 196 -19.33 18.10 -14.31
C PRO A 196 -19.30 19.22 -13.27
N CYS A 197 -19.87 18.97 -12.09
CA CYS A 197 -19.98 20.00 -11.07
C CYS A 197 -18.79 19.98 -10.13
N CYS A 198 -18.06 18.87 -10.16
CA CYS A 198 -16.86 18.74 -9.36
C CYS A 198 -16.00 17.68 -9.99
N ASN A 199 -14.93 18.13 -10.61
CA ASN A 199 -14.01 17.28 -11.35
C ASN A 199 -13.48 16.15 -10.47
N CYS A 200 -13.02 16.53 -9.27
CA CYS A 200 -12.25 15.62 -8.43
C CYS A 200 -13.11 14.82 -7.47
N ILE A 201 -13.43 13.58 -7.84
CA ILE A 201 -14.19 12.71 -6.97
C ILE A 201 -13.27 11.66 -6.38
N ILE A 202 -13.37 11.47 -5.08
CA ILE A 202 -12.49 10.59 -4.33
C ILE A 202 -13.37 9.53 -3.67
N ALA A 203 -12.86 8.30 -3.59
CA ALA A 203 -13.62 7.24 -2.96
C ALA A 203 -12.94 6.86 -1.68
N GLY A 204 -13.69 6.93 -0.58
CA GLY A 204 -13.21 6.45 0.69
C GLY A 204 -13.60 4.99 0.89
N GLY A 205 -13.23 4.44 2.03
CA GLY A 205 -13.53 3.07 2.37
C GLY A 205 -12.73 2.02 1.61
N ILE A 206 -11.64 2.43 0.98
CA ILE A 206 -10.82 1.46 0.27
C ILE A 206 -9.98 0.68 1.30
N ASP A 207 -10.62 -0.28 1.95
CA ASP A 207 -10.07 -0.90 3.15
C ASP A 207 -9.52 -2.31 2.97
N THR A 208 -9.80 -2.95 1.83
CA THR A 208 -9.36 -4.32 1.58
C THR A 208 -8.90 -4.44 0.15
N ALA A 209 -8.13 -5.50 -0.14
CA ALA A 209 -7.69 -5.74 -1.52
C ALA A 209 -8.87 -5.93 -2.45
N GLU A 210 -9.92 -6.59 -1.95
CA GLU A 210 -11.06 -6.84 -2.81
C GLU A 210 -11.73 -5.51 -3.18
N ILE A 211 -11.83 -4.61 -2.23
CA ILE A 211 -12.47 -3.32 -2.51
C ILE A 211 -11.66 -2.52 -3.54
N LEU A 212 -10.34 -2.49 -3.40
CA LEU A 212 -9.51 -1.77 -4.36
C LEU A 212 -9.68 -2.37 -5.75
N ALA A 213 -9.71 -3.69 -5.83
CA ALA A 213 -9.88 -4.37 -7.12
C ALA A 213 -11.22 -3.97 -7.78
N GLN A 214 -12.25 -3.86 -6.97
CA GLN A 214 -13.56 -3.47 -7.48
C GLN A 214 -13.63 -2.00 -7.84
N ILE A 215 -12.90 -1.15 -7.13
CA ILE A 215 -13.02 0.31 -7.29
C ILE A 215 -12.15 0.85 -8.42
N THR A 216 -11.03 0.18 -8.69
CA THR A 216 -10.08 0.68 -9.68
C THR A 216 -10.67 1.02 -11.07
N PRO A 217 -11.53 0.15 -11.60
CA PRO A 217 -12.15 0.42 -12.91
C PRO A 217 -13.06 1.67 -12.93
N PHE A 218 -13.42 2.19 -11.78
CA PHE A 218 -14.24 3.41 -11.74
C PHE A 218 -13.44 4.64 -12.09
N ASP A 219 -12.11 4.53 -12.03
CA ASP A 219 -11.22 5.65 -12.33
C ASP A 219 -11.52 6.91 -11.53
N PHE A 220 -11.67 6.77 -10.21
CA PHE A 220 -11.76 7.94 -9.33
C PHE A 220 -10.44 8.70 -9.38
N HIS A 221 -10.47 10.02 -9.18
CA HIS A 221 -9.23 10.80 -9.19
C HIS A 221 -8.33 10.40 -8.02
N ALA A 222 -8.94 10.00 -6.90
CA ALA A 222 -8.17 9.52 -5.77
C ALA A 222 -8.97 8.61 -4.87
N LEU A 223 -8.24 7.96 -3.95
CA LEU A 223 -8.80 6.95 -3.08
C LEU A 223 -8.28 7.13 -1.66
N GLN A 224 -9.05 6.69 -0.68
CA GLN A 224 -8.60 6.72 0.72
C GLN A 224 -9.17 5.53 1.48
N GLY A 225 -8.38 4.91 2.34
CA GLY A 225 -8.91 3.82 3.13
C GLY A 225 -7.84 3.07 3.91
N CYS A 226 -8.22 2.03 4.63
CA CYS A 226 -7.27 1.31 5.49
C CYS A 226 -6.09 0.65 4.78
N LEU A 227 -6.16 0.49 3.47
CA LEU A 227 -4.98 -0.01 2.75
C LEU A 227 -3.79 0.91 2.92
N TRP A 228 -4.06 2.19 3.13
CA TRP A 228 -3.02 3.19 3.34
C TRP A 228 -3.25 3.80 4.70
N PRO A 229 -2.65 3.19 5.74
CA PRO A 229 -2.88 3.57 7.13
C PRO A 229 -2.37 4.98 7.42
N ALA A 230 -2.93 5.60 8.43
CA ALA A 230 -2.45 6.91 8.83
C ALA A 230 -0.98 6.82 9.25
N VAL A 231 -0.22 7.90 9.04
CA VAL A 231 1.15 7.96 9.55
C VAL A 231 1.30 9.19 10.47
N PRO A 232 2.15 9.09 11.50
CA PRO A 232 2.39 10.27 12.35
C PRO A 232 2.92 11.39 11.47
N ILE A 233 2.58 12.64 11.76
CA ILE A 233 2.83 13.70 10.79
C ILE A 233 4.31 13.83 10.45
N ASN A 234 5.17 13.47 11.39
CA ASN A 234 6.60 13.59 11.13
C ASN A 234 7.13 12.48 10.24
N GLN A 235 6.27 11.53 9.86
CA GLN A 235 6.68 10.45 8.97
C GLN A 235 6.04 10.59 7.60
N ILE A 236 5.55 11.79 7.29
CA ILE A 236 4.96 11.99 5.98
C ILE A 236 5.96 11.66 4.86
N THR A 237 7.27 11.78 5.11
CA THR A 237 8.22 11.47 4.06
C THR A 237 8.22 10.00 3.68
N THR A 238 7.70 9.16 4.56
CA THR A 238 7.67 7.73 4.27
C THR A 238 6.65 7.35 3.19
N LEU A 239 5.83 8.32 2.80
CA LEU A 239 4.71 8.05 1.88
C LEU A 239 5.11 8.22 0.41
N VAL A 240 6.18 8.96 0.19
CA VAL A 240 6.63 9.26 -1.17
C VAL A 240 7.94 8.53 -1.49
N GLN A 241 8.41 8.67 -2.72
CA GLN A 241 9.65 8.05 -3.15
C GLN A 241 10.81 8.39 -2.21
N ARG A 242 11.67 7.41 -1.95
CA ARG A 242 12.85 7.63 -1.09
C ARG A 242 13.82 8.61 -1.75
N ILE B 8 13.11 -17.33 -29.31
CA ILE B 8 11.77 -17.78 -28.96
C ILE B 8 11.75 -18.55 -27.64
N PHE B 9 12.90 -19.13 -27.27
CA PHE B 9 13.03 -19.96 -26.09
C PHE B 9 11.98 -21.08 -26.14
N LEU B 10 11.15 -21.17 -25.11
CA LEU B 10 10.17 -22.24 -24.99
C LEU B 10 8.87 -21.81 -25.65
N GLU B 11 8.84 -20.56 -26.08
CA GLU B 11 7.62 -19.91 -26.55
C GLU B 11 6.89 -20.62 -27.71
N ASN B 12 7.59 -21.50 -28.43
CA ASN B 12 6.90 -22.21 -29.51
C ASN B 12 6.39 -23.58 -29.09
N LEU B 13 6.57 -23.93 -27.82
CA LEU B 13 6.02 -25.17 -27.29
C LEU B 13 4.88 -24.89 -26.31
N TYR B 14 5.09 -23.94 -25.41
CA TYR B 14 4.05 -23.47 -24.49
C TYR B 14 4.14 -21.96 -24.34
N HIS B 15 3.00 -21.31 -24.14
CA HIS B 15 2.99 -19.87 -24.00
C HIS B 15 3.12 -19.45 -22.54
N SER B 16 4.06 -18.54 -22.26
CA SER B 16 4.19 -17.96 -20.91
C SER B 16 3.54 -16.57 -20.84
N ASP B 17 2.68 -16.37 -19.85
CA ASP B 17 2.16 -15.04 -19.54
C ASP B 17 2.69 -14.72 -18.16
N CYS B 18 3.52 -13.68 -18.05
CA CYS B 18 4.27 -13.42 -16.83
C CYS B 18 3.82 -12.20 -16.04
N TYR B 19 3.92 -12.33 -14.71
CA TYR B 19 3.54 -11.28 -13.78
C TYR B 19 4.60 -11.12 -12.72
N PHE B 20 4.64 -9.94 -12.11
CA PHE B 20 5.52 -9.69 -10.97
C PHE B 20 4.72 -9.57 -9.68
N LEU B 21 5.07 -10.38 -8.69
CA LEU B 21 4.46 -10.34 -7.38
C LEU B 21 5.33 -9.48 -6.47
N PRO B 22 4.80 -8.35 -5.98
CA PRO B 22 5.57 -7.38 -5.21
C PRO B 22 5.98 -7.91 -3.83
N ILE B 23 7.19 -7.61 -3.43
CA ILE B 23 7.61 -7.77 -2.03
C ILE B 23 7.90 -6.39 -1.48
N ARG B 24 7.27 -6.07 -0.35
CA ARG B 24 7.33 -4.74 0.21
C ARG B 24 7.83 -4.76 1.65
N ASP B 25 7.86 -3.62 2.29
CA ASP B 25 8.22 -3.59 3.72
C ASP B 25 7.12 -2.94 4.53
N ASN B 26 7.40 -2.63 5.80
CA ASN B 26 6.37 -2.08 6.68
C ASN B 26 5.78 -0.78 6.15
N GLN B 27 6.61 -0.03 5.43
CA GLN B 27 6.25 1.27 4.87
C GLN B 27 5.70 1.15 3.44
N GLN B 28 5.57 -0.09 2.99
CA GLN B 28 5.03 -0.44 1.67
C GLN B 28 5.96 -0.02 0.53
N VAL B 29 7.24 0.22 0.87
CA VAL B 29 8.26 0.40 -0.15
C VAL B 29 8.50 -0.90 -0.91
N LEU B 30 8.67 -0.82 -2.23
CA LEU B 30 8.97 -2.03 -2.98
C LEU B 30 10.42 -2.43 -2.75
N VAL B 31 10.64 -3.67 -2.29
CA VAL B 31 12.02 -4.16 -2.10
C VAL B 31 12.40 -5.25 -3.10
N GLY B 32 11.41 -5.82 -3.76
CA GLY B 32 11.70 -6.80 -4.80
C GLY B 32 10.44 -7.39 -5.38
N VAL B 33 10.63 -8.29 -6.33
CA VAL B 33 9.50 -8.98 -6.94
C VAL B 33 9.83 -10.44 -7.15
N GLU B 34 8.77 -11.24 -7.20
CA GLU B 34 8.88 -12.61 -7.63
C GLU B 34 8.22 -12.77 -9.01
N LEU B 35 8.92 -13.45 -9.92
CA LEU B 35 8.37 -13.71 -11.24
C LEU B 35 7.36 -14.86 -11.19
N ILE B 36 6.14 -14.57 -11.65
CA ILE B 36 5.05 -15.54 -11.72
C ILE B 36 4.72 -15.85 -13.18
N THR B 37 4.59 -17.12 -13.51
CA THR B 37 4.19 -17.52 -14.87
C THR B 37 2.86 -18.28 -14.89
N HIS B 38 1.96 -17.86 -15.78
CA HIS B 38 0.77 -18.65 -16.09
C HIS B 38 0.88 -19.15 -17.51
N PHE B 39 0.93 -20.47 -17.67
CA PHE B 39 1.10 -21.07 -18.99
C PHE B 39 -0.21 -21.27 -19.74
N SER B 40 -0.12 -21.26 -21.07
CA SER B 40 -1.23 -21.67 -21.89
C SER B 40 -0.70 -22.45 -23.09
N SER B 41 -1.60 -23.04 -23.86
CA SER B 41 -1.18 -23.78 -25.03
C SER B 41 -0.51 -22.83 -26.04
N GLU B 42 0.28 -23.40 -26.93
CA GLU B 42 1.04 -22.61 -27.88
C GLU B 42 0.14 -21.67 -28.68
N ASP B 43 -1.05 -22.14 -29.07
CA ASP B 43 -1.96 -21.32 -29.86
C ASP B 43 -2.91 -20.50 -28.99
N GLY B 44 -2.71 -20.54 -27.68
CA GLY B 44 -3.42 -19.68 -26.75
C GLY B 44 -4.82 -20.12 -26.34
N THR B 45 -5.28 -21.24 -26.87
CA THR B 45 -6.68 -21.63 -26.69
C THR B 45 -7.06 -22.00 -25.26
N VAL B 46 -6.13 -22.59 -24.51
CA VAL B 46 -6.40 -22.96 -23.12
C VAL B 46 -5.25 -22.61 -22.17
N ARG B 47 -5.59 -22.31 -20.92
CA ARG B 47 -4.55 -22.25 -19.90
C ARG B 47 -4.19 -23.66 -19.46
N ILE B 48 -2.95 -23.85 -19.04
CA ILE B 48 -2.46 -25.17 -18.61
C ILE B 48 -1.83 -25.02 -17.24
N PRO B 49 -2.17 -25.92 -16.29
CA PRO B 49 -1.54 -25.87 -14.97
C PRO B 49 -0.02 -25.95 -15.06
N THR B 50 0.67 -25.12 -14.29
CA THR B 50 2.12 -25.13 -14.28
C THR B 50 2.68 -26.54 -14.02
N SER B 51 2.05 -27.22 -13.07
CA SER B 51 2.49 -28.55 -12.68
C SER B 51 2.60 -29.42 -13.91
N ARG B 52 1.56 -29.37 -14.73
CA ARG B 52 1.49 -30.20 -15.93
C ARG B 52 2.57 -29.83 -16.92
N VAL B 53 2.78 -28.53 -17.13
CA VAL B 53 3.83 -28.07 -18.04
C VAL B 53 5.21 -28.52 -17.56
N ILE B 54 5.51 -28.29 -16.29
CA ILE B 54 6.83 -28.61 -15.74
C ILE B 54 7.11 -30.11 -15.84
N ALA B 55 6.13 -30.90 -15.44
CA ALA B 55 6.24 -32.36 -15.51
C ALA B 55 6.62 -32.84 -16.91
N GLN B 56 6.22 -32.08 -17.93
CA GLN B 56 6.36 -32.50 -19.32
C GLN B 56 7.66 -32.10 -20.02
N LEU B 57 8.45 -31.23 -19.38
CA LEU B 57 9.65 -30.68 -20.03
C LEU B 57 10.85 -31.64 -20.02
N THR B 58 11.58 -31.68 -21.12
CA THR B 58 12.87 -32.34 -21.15
C THR B 58 13.89 -31.44 -20.44
N GLU B 59 15.03 -32.03 -20.08
CA GLU B 59 16.12 -31.26 -19.47
C GLU B 59 16.41 -29.98 -20.25
N GLU B 60 16.54 -30.09 -21.57
CA GLU B 60 16.88 -28.91 -22.35
C GLU B 60 15.74 -27.90 -22.37
N GLN B 61 14.52 -28.39 -22.26
CA GLN B 61 13.35 -27.51 -22.20
C GLN B 61 13.28 -26.76 -20.86
N HIS B 62 13.59 -27.46 -19.77
CA HIS B 62 13.74 -26.82 -18.48
C HIS B 62 14.70 -25.63 -18.61
N TRP B 63 15.83 -25.84 -19.28
CA TRP B 63 16.80 -24.77 -19.43
C TRP B 63 16.30 -23.64 -20.34
N GLN B 64 15.60 -23.99 -21.40
CA GLN B 64 15.05 -22.96 -22.28
C GLN B 64 14.08 -22.07 -21.53
N LEU B 65 13.22 -22.68 -20.74
CA LEU B 65 12.24 -21.91 -19.97
C LEU B 65 12.93 -21.04 -18.93
N PHE B 66 13.95 -21.58 -18.28
CA PHE B 66 14.72 -20.79 -17.34
C PHE B 66 15.40 -19.60 -18.02
N SER B 67 16.01 -19.83 -19.18
CA SER B 67 16.71 -18.77 -19.92
C SER B 67 15.74 -17.68 -20.38
N GLU B 68 14.53 -18.09 -20.72
CA GLU B 68 13.50 -17.14 -21.16
C GLU B 68 13.20 -16.17 -20.02
N GLN B 69 13.09 -16.72 -18.82
CA GLN B 69 12.76 -15.93 -17.64
C GLN B 69 13.95 -15.05 -17.25
N LEU B 70 15.15 -15.59 -17.39
CA LEU B 70 16.38 -14.87 -17.11
C LEU B 70 16.47 -13.68 -18.05
N GLU B 71 16.15 -13.90 -19.31
CA GLU B 71 16.20 -12.85 -20.33
C GLU B 71 15.21 -11.74 -20.00
N LEU B 72 14.03 -12.12 -19.52
CA LEU B 72 13.05 -11.14 -19.09
C LEU B 72 13.57 -10.26 -17.96
N LEU B 73 14.15 -10.89 -16.94
CA LEU B 73 14.69 -10.13 -15.81
C LEU B 73 15.87 -9.26 -16.25
N LYS B 74 16.69 -9.79 -17.12
CA LYS B 74 17.85 -9.06 -17.64
C LYS B 74 17.42 -7.79 -18.36
N SER B 75 16.28 -7.85 -19.05
CA SER B 75 15.76 -6.69 -19.77
C SER B 75 15.30 -5.58 -18.84
N CYS B 76 15.18 -5.90 -17.55
CA CYS B 76 14.74 -4.94 -16.55
C CYS B 76 15.89 -4.52 -15.63
N GLN B 77 17.10 -4.89 -15.98
CA GLN B 77 18.21 -4.73 -15.04
C GLN B 77 18.42 -3.29 -14.59
N HIS B 78 18.25 -2.32 -15.49
CA HIS B 78 18.44 -0.93 -15.10
C HIS B 78 17.48 -0.54 -13.97
N PHE B 79 16.22 -0.92 -14.12
CA PHE B 79 15.20 -0.66 -13.09
C PHE B 79 15.52 -1.35 -11.77
N PHE B 80 15.86 -2.64 -11.81
CA PHE B 80 16.22 -3.35 -10.58
C PHE B 80 17.40 -2.71 -9.87
N ILE B 81 18.43 -2.34 -10.63
CA ILE B 81 19.62 -1.74 -10.06
C ILE B 81 19.33 -0.34 -9.50
N GLN B 82 18.58 0.45 -10.26
CA GLN B 82 18.26 1.80 -9.87
C GLN B 82 17.47 1.84 -8.56
N HIS B 83 16.50 0.93 -8.41
CA HIS B 83 15.63 0.93 -7.24
C HIS B 83 16.09 -0.04 -6.17
N LYS B 84 17.26 -0.65 -6.38
CA LYS B 84 17.87 -1.50 -5.39
C LYS B 84 16.94 -2.65 -5.02
N LEU B 85 16.42 -3.30 -6.06
CA LEU B 85 15.45 -4.38 -5.93
C LEU B 85 16.06 -5.74 -6.16
N PHE B 86 15.46 -6.78 -5.57
CA PHE B 86 15.79 -8.15 -5.96
C PHE B 86 14.68 -8.76 -6.82
N ALA B 87 15.02 -9.82 -7.54
CA ALA B 87 14.06 -10.54 -8.37
C ALA B 87 14.20 -12.00 -8.06
N TRP B 88 13.08 -12.68 -7.81
CA TRP B 88 13.10 -14.11 -7.51
C TRP B 88 12.69 -14.95 -8.72
N LEU B 89 13.53 -15.91 -9.04
CA LEU B 89 13.30 -16.83 -10.14
C LEU B 89 13.24 -18.26 -9.59
N ASN B 90 12.20 -19.02 -9.92
CA ASN B 90 12.10 -20.41 -9.46
C ASN B 90 13.27 -21.27 -9.91
N LEU B 91 13.84 -22.03 -8.98
CA LEU B 91 14.87 -23.01 -9.34
C LEU B 91 14.29 -24.42 -9.33
N THR B 92 14.58 -25.19 -10.37
CA THR B 92 14.24 -26.62 -10.41
C THR B 92 15.50 -27.48 -10.37
N PRO B 93 15.37 -28.73 -9.94
CA PRO B 93 16.54 -29.63 -9.91
C PRO B 93 17.19 -29.78 -11.27
N GLN B 94 16.38 -29.75 -12.33
CA GLN B 94 16.92 -29.89 -13.68
C GLN B 94 17.85 -28.73 -14.02
N VAL B 95 17.41 -27.52 -13.68
CA VAL B 95 18.21 -26.33 -13.92
C VAL B 95 19.44 -26.31 -13.00
N ALA B 96 19.26 -26.78 -11.77
CA ALA B 96 20.39 -26.84 -10.83
C ALA B 96 21.53 -27.65 -11.43
N THR B 97 21.17 -28.80 -12.00
CA THR B 97 22.17 -29.70 -12.54
C THR B 97 22.93 -29.06 -13.70
N LEU B 98 22.20 -28.36 -14.56
CA LEU B 98 22.82 -27.70 -15.71
C LEU B 98 23.74 -26.56 -15.30
N LEU B 99 23.29 -25.75 -14.33
CA LEU B 99 24.11 -24.68 -13.80
C LEU B 99 25.47 -25.19 -13.30
N LEU B 100 25.46 -26.33 -12.60
CA LEU B 100 26.65 -26.87 -11.96
C LEU B 100 27.52 -27.74 -12.87
N GLU B 101 26.91 -28.42 -13.83
CA GLU B 101 27.63 -29.46 -14.57
C GLU B 101 28.07 -29.05 -15.97
N ARG B 102 27.70 -27.84 -16.38
CA ARG B 102 28.18 -27.28 -17.61
C ARG B 102 29.32 -26.29 -17.31
N ASP B 103 30.18 -26.05 -18.28
CA ASP B 103 31.26 -25.10 -18.05
C ASP B 103 30.90 -23.70 -18.52
N ASN B 104 29.62 -23.47 -18.82
CA ASN B 104 29.20 -22.19 -19.40
C ASN B 104 27.73 -21.78 -19.25
N TYR B 105 27.00 -22.43 -18.34
CA TYR B 105 25.61 -22.05 -18.07
C TYR B 105 25.50 -21.09 -16.89
N ALA B 106 26.36 -21.32 -15.91
CA ALA B 106 26.34 -20.56 -14.66
C ALA B 106 26.56 -19.07 -14.89
N GLY B 107 27.29 -18.75 -15.95
CA GLY B 107 27.73 -17.39 -16.19
C GLY B 107 26.60 -16.38 -16.35
N GLU B 108 25.59 -16.72 -17.14
CA GLU B 108 24.55 -15.75 -17.48
C GLU B 108 23.67 -15.34 -16.30
N LEU B 109 23.65 -16.16 -15.26
CA LEU B 109 22.90 -15.83 -14.04
C LEU B 109 23.79 -15.06 -13.08
N LEU B 110 25.02 -15.55 -12.93
CA LEU B 110 25.99 -15.01 -11.99
C LEU B 110 26.15 -13.51 -12.18
N LYS B 111 26.04 -13.08 -13.43
CA LYS B 111 26.31 -11.71 -13.87
C LYS B 111 25.25 -10.70 -13.38
N TYR B 112 24.11 -11.21 -12.94
CA TYR B 112 23.06 -10.33 -12.43
C TYR B 112 22.70 -10.70 -10.99
N PRO B 113 23.45 -10.13 -10.03
CA PRO B 113 23.36 -10.50 -8.61
C PRO B 113 22.01 -10.17 -7.99
N PHE B 114 21.23 -9.27 -8.59
CA PHE B 114 19.91 -8.96 -8.07
C PHE B 114 18.92 -10.10 -8.28
N ILE B 115 19.26 -11.04 -9.16
CA ILE B 115 18.43 -12.21 -9.42
C ILE B 115 18.74 -13.32 -8.40
N GLU B 116 17.70 -13.81 -7.76
CA GLU B 116 17.89 -14.83 -6.73
C GLU B 116 17.09 -16.08 -7.09
N LEU B 117 17.61 -17.24 -6.68
CA LEU B 117 16.97 -18.51 -6.96
C LEU B 117 16.02 -18.91 -5.83
N LEU B 118 14.76 -19.13 -6.18
CA LEU B 118 13.73 -19.40 -5.21
C LEU B 118 13.42 -20.89 -5.16
N ILE B 119 13.48 -21.48 -3.97
CA ILE B 119 13.05 -22.86 -3.82
C ILE B 119 12.03 -22.98 -2.68
N ASN B 120 11.24 -24.03 -2.72
CA ASN B 120 10.23 -24.23 -1.69
C ASN B 120 10.57 -25.45 -0.86
N GLU B 121 9.80 -25.68 0.19
CA GLU B 121 10.10 -26.77 1.12
C GLU B 121 10.01 -28.16 0.48
N ASN B 122 9.30 -28.27 -0.63
CA ASN B 122 9.21 -29.57 -1.33
C ASN B 122 10.33 -29.84 -2.32
N TYR B 123 11.31 -28.93 -2.39
CA TYR B 123 12.47 -29.16 -3.23
C TYR B 123 13.16 -30.47 -2.84
N PRO B 124 13.45 -31.30 -3.85
CA PRO B 124 14.02 -32.64 -3.61
C PRO B 124 15.23 -32.63 -2.69
N HIS B 125 15.15 -33.41 -1.62
CA HIS B 125 16.24 -33.58 -0.67
C HIS B 125 16.71 -32.33 0.05
N LEU B 126 15.81 -31.36 0.21
CA LEU B 126 16.14 -30.18 0.98
C LEU B 126 16.49 -30.50 2.44
N ASN B 127 15.87 -31.56 2.95
CA ASN B 127 16.13 -32.06 4.30
C ASN B 127 17.61 -32.27 4.59
N GLU B 128 18.37 -32.58 3.54
CA GLU B 128 19.80 -32.85 3.69
C GLU B 128 20.59 -31.60 4.05
N GLY B 129 20.01 -30.42 3.83
CA GLY B 129 20.72 -29.20 4.14
C GLY B 129 22.03 -29.10 3.36
N LYS B 130 23.12 -28.79 4.06
CA LYS B 130 24.42 -28.64 3.37
C LYS B 130 24.91 -29.96 2.80
N ASP B 131 24.26 -31.06 3.17
CA ASP B 131 24.59 -32.38 2.62
C ASP B 131 23.96 -32.58 1.24
N ASN B 132 23.09 -31.65 0.84
CA ASN B 132 22.60 -31.62 -0.53
C ASN B 132 23.68 -30.95 -1.37
N ARG B 133 24.43 -31.74 -2.13
CA ARG B 133 25.67 -31.26 -2.76
C ARG B 133 25.39 -30.13 -3.76
N GLY B 134 24.35 -30.31 -4.56
CA GLY B 134 23.92 -29.30 -5.50
C GLY B 134 23.53 -27.98 -4.87
N LEU B 135 22.68 -28.03 -3.85
CA LEU B 135 22.27 -26.81 -3.16
C LEU B 135 23.44 -26.12 -2.47
N LEU B 136 24.34 -26.91 -1.87
CA LEU B 136 25.49 -26.31 -1.24
C LEU B 136 26.30 -25.52 -2.27
N SER B 137 26.58 -26.13 -3.40
CA SER B 137 27.41 -25.45 -4.41
C SER B 137 26.75 -24.18 -4.92
N LEU B 138 25.45 -24.26 -5.24
CA LEU B 138 24.75 -23.06 -5.71
C LEU B 138 24.78 -21.96 -4.67
N SER B 139 24.60 -22.32 -3.41
CA SER B 139 24.54 -21.34 -2.32
C SER B 139 25.89 -20.66 -2.11
N GLN B 140 26.94 -21.30 -2.58
CA GLN B 140 28.27 -20.72 -2.44
C GLN B 140 28.46 -19.48 -3.30
N VAL B 141 27.71 -19.38 -4.40
CA VAL B 141 27.87 -18.21 -5.27
C VAL B 141 26.58 -17.44 -5.59
N TYR B 142 25.43 -18.11 -5.55
CA TYR B 142 24.16 -17.47 -5.88
C TYR B 142 23.33 -17.20 -4.65
N PRO B 143 22.51 -16.14 -4.68
CA PRO B 143 21.57 -15.90 -3.57
C PRO B 143 20.45 -16.93 -3.63
N LEU B 144 20.25 -17.71 -2.57
CA LEU B 144 19.17 -18.68 -2.55
C LEU B 144 18.09 -18.23 -1.59
N VAL B 145 16.85 -18.51 -1.94
CA VAL B 145 15.71 -18.07 -1.15
C VAL B 145 14.78 -19.25 -0.88
N LEU B 146 14.39 -19.41 0.37
CA LEU B 146 13.41 -20.44 0.72
C LEU B 146 12.05 -19.73 0.80
N GLY B 147 11.11 -20.14 -0.04
CA GLY B 147 9.88 -19.38 -0.20
C GLY B 147 8.75 -19.65 0.77
N ASN B 148 8.82 -20.73 1.54
CA ASN B 148 7.65 -21.10 2.34
C ASN B 148 7.96 -21.86 3.62
N LEU B 149 8.95 -21.38 4.37
CA LEU B 149 9.20 -21.89 5.71
C LEU B 149 7.94 -21.80 6.57
N GLY B 150 7.65 -22.85 7.33
CA GLY B 150 6.50 -22.84 8.20
C GLY B 150 5.29 -23.45 7.54
N ALA B 151 5.50 -23.99 6.34
CA ALA B 151 4.43 -24.69 5.67
C ALA B 151 4.43 -26.13 6.18
N GLY B 152 5.40 -26.45 7.03
CA GLY B 152 5.47 -27.73 7.73
C GLY B 152 5.99 -28.89 6.90
N ASN B 153 6.67 -28.58 5.80
CA ASN B 153 7.06 -29.59 4.82
C ASN B 153 8.54 -29.95 4.85
N SER B 154 9.31 -29.22 5.66
CA SER B 154 10.74 -29.50 5.77
C SER B 154 11.26 -28.99 7.10
N THR B 155 12.36 -29.56 7.55
CA THR B 155 12.98 -29.08 8.78
C THR B 155 13.77 -27.81 8.51
N MET B 156 14.37 -27.33 9.57
CA MET B 156 15.17 -26.14 9.59
C MET B 156 16.59 -26.46 9.20
N LYS B 157 16.91 -27.71 8.91
CA LYS B 157 18.31 -28.08 8.75
C LYS B 157 18.98 -27.21 7.68
N ALA B 158 18.35 -27.15 6.50
CA ALA B 158 18.85 -26.31 5.41
C ALA B 158 19.03 -24.85 5.84
N VAL B 159 18.10 -24.34 6.65
CA VAL B 159 18.20 -22.96 7.12
C VAL B 159 19.36 -22.76 8.08
N PHE B 160 19.49 -23.64 9.05
CA PHE B 160 20.58 -23.51 10.02
C PHE B 160 21.94 -23.84 9.41
N ASP B 161 21.94 -24.62 8.34
CA ASP B 161 23.18 -24.86 7.59
C ASP B 161 23.61 -23.62 6.80
N GLY B 162 22.75 -22.61 6.75
CA GLY B 162 23.10 -21.33 6.16
C GLY B 162 23.04 -21.27 4.64
N LEU B 163 22.22 -22.13 4.06
CA LEU B 163 22.09 -22.21 2.61
C LEU B 163 21.45 -20.95 2.01
N PHE B 164 20.60 -20.29 2.79
CA PHE B 164 19.73 -19.23 2.24
C PHE B 164 20.17 -17.82 2.51
N THR B 165 19.99 -16.95 1.52
CA THR B 165 20.25 -15.54 1.67
C THR B 165 18.98 -14.86 2.20
N ARG B 166 17.83 -15.40 1.80
CA ARG B 166 16.55 -14.93 2.30
C ARG B 166 15.65 -16.11 2.65
N VAL B 167 14.87 -15.94 3.71
CA VAL B 167 13.90 -16.94 4.08
C VAL B 167 12.56 -16.27 4.25
N MET B 168 11.56 -16.79 3.56
CA MET B 168 10.20 -16.29 3.69
C MET B 168 9.33 -17.24 4.51
N LEU B 169 8.65 -16.69 5.51
CA LEU B 169 7.74 -17.44 6.36
C LEU B 169 6.37 -17.52 5.69
N ASP B 170 5.86 -18.74 5.58
CA ASP B 170 4.63 -18.99 4.85
C ASP B 170 3.43 -18.28 5.47
N LYS B 171 2.50 -17.89 4.61
CA LYS B 171 1.26 -17.26 5.06
C LYS B 171 0.53 -18.11 6.10
N SER B 172 0.57 -19.43 5.94
CA SER B 172 -0.14 -20.28 6.89
C SER B 172 0.47 -20.16 8.30
N PHE B 173 1.78 -20.00 8.36
CA PHE B 173 2.46 -19.88 9.64
C PHE B 173 2.21 -18.52 10.28
N ILE B 174 2.36 -17.46 9.49
CA ILE B 174 2.14 -16.12 9.98
C ILE B 174 0.69 -15.95 10.46
N GLN B 175 -0.26 -16.39 9.64
CA GLN B 175 -1.67 -16.13 9.91
C GLN B 175 -2.18 -16.97 11.06
N GLN B 176 -1.66 -18.19 11.18
CA GLN B 176 -2.01 -19.03 12.32
C GLN B 176 -1.62 -18.40 13.67
N GLN B 177 -0.42 -17.83 13.74
CA GLN B 177 0.10 -17.21 14.95
C GLN B 177 -0.56 -15.88 15.30
N ILE B 178 -0.97 -15.15 14.27
CA ILE B 178 -1.66 -13.87 14.45
C ILE B 178 -3.15 -14.08 14.77
N THR B 179 -3.78 -15.05 14.12
CA THR B 179 -5.18 -15.37 14.38
C THR B 179 -5.38 -15.89 15.82
N HIS B 180 -4.44 -16.71 16.28
CA HIS B 180 -4.45 -17.16 17.67
C HIS B 180 -3.45 -16.34 18.47
N ARG B 181 -3.90 -15.15 18.88
CA ARG B 181 -3.03 -14.09 19.40
C ARG B 181 -1.98 -14.47 20.42
N SER B 182 -2.32 -15.38 21.33
CA SER B 182 -1.37 -15.76 22.36
C SER B 182 -0.15 -16.50 21.79
N PHE B 183 -0.20 -16.86 20.50
CA PHE B 183 0.93 -17.53 19.87
C PHE B 183 1.87 -16.56 19.14
N GLU B 184 1.54 -15.27 19.16
CA GLU B 184 2.40 -14.28 18.51
C GLU B 184 3.87 -14.34 18.94
N PRO B 185 4.14 -14.62 20.23
CA PRO B 185 5.53 -14.76 20.63
C PRO B 185 6.29 -15.85 19.86
N PHE B 186 5.57 -16.85 19.35
CA PHE B 186 6.17 -17.91 18.54
C PHE B 186 6.81 -17.35 17.26
N ILE B 187 6.19 -16.35 16.65
CA ILE B 187 6.79 -15.68 15.50
C ILE B 187 8.14 -15.06 15.89
N ARG B 188 8.17 -14.35 17.01
CA ARG B 188 9.39 -13.70 17.48
C ARG B 188 10.47 -14.73 17.77
N ALA B 189 10.09 -15.83 18.42
CA ALA B 189 11.03 -16.90 18.71
C ALA B 189 11.66 -17.45 17.43
N ILE B 190 10.84 -17.73 16.42
CA ILE B 190 11.35 -18.26 15.16
C ILE B 190 12.20 -17.21 14.47
N GLN B 191 11.71 -15.97 14.50
CA GLN B 191 12.42 -14.85 13.90
C GLN B 191 13.82 -14.69 14.47
N ALA B 192 13.93 -14.69 15.80
CA ALA B 192 15.21 -14.44 16.44
C ALA B 192 16.20 -15.57 16.20
N GLN B 193 15.69 -16.79 16.08
CA GLN B 193 16.55 -17.96 15.93
C GLN B 193 17.11 -18.07 14.51
N ILE B 194 16.33 -17.64 13.53
CA ILE B 194 16.71 -17.82 12.13
C ILE B 194 17.49 -16.62 11.57
N SER B 195 17.34 -15.46 12.21
CA SER B 195 17.97 -14.24 11.71
C SER B 195 19.50 -14.33 11.55
N PRO B 196 20.18 -15.07 12.42
CA PRO B 196 21.64 -15.23 12.23
C PRO B 196 22.02 -16.11 11.05
N CYS B 197 21.07 -16.76 10.41
CA CYS B 197 21.37 -17.71 9.33
C CYS B 197 21.04 -17.22 7.93
N CYS B 198 20.44 -16.04 7.82
CA CYS B 198 20.15 -15.46 6.52
C CYS B 198 20.26 -13.95 6.60
N ASN B 199 20.21 -13.29 5.43
CA ASN B 199 20.34 -11.84 5.41
C ASN B 199 18.99 -11.14 5.56
N CYS B 200 17.91 -11.89 5.34
CA CYS B 200 16.60 -11.25 5.29
C CYS B 200 15.49 -12.25 5.54
N ILE B 201 14.60 -11.96 6.48
CA ILE B 201 13.39 -12.75 6.67
C ILE B 201 12.18 -12.00 6.15
N ILE B 202 11.38 -12.68 5.33
CA ILE B 202 10.17 -12.10 4.75
C ILE B 202 8.96 -12.73 5.43
N ALA B 203 7.97 -11.93 5.78
CA ALA B 203 6.75 -12.50 6.34
C ALA B 203 5.69 -12.47 5.26
N GLY B 204 5.18 -13.66 4.92
CA GLY B 204 4.10 -13.80 3.96
C GLY B 204 2.75 -13.70 4.64
N GLY B 205 1.68 -13.82 3.86
CA GLY B 205 0.33 -13.76 4.39
C GLY B 205 -0.14 -12.40 4.84
N ILE B 206 0.51 -11.34 4.37
CA ILE B 206 0.06 -10.01 4.75
C ILE B 206 -1.09 -9.63 3.83
N ASP B 207 -2.27 -10.11 4.19
CA ASP B 207 -3.41 -10.08 3.27
C ASP B 207 -4.44 -9.00 3.57
N THR B 208 -4.36 -8.39 4.75
CA THR B 208 -5.37 -7.43 5.19
C THR B 208 -4.69 -6.32 5.95
N ALA B 209 -5.35 -5.18 6.07
CA ALA B 209 -4.80 -4.04 6.81
C ALA B 209 -4.56 -4.37 8.27
N GLU B 210 -5.44 -5.21 8.84
CA GLU B 210 -5.27 -5.63 10.23
C GLU B 210 -4.00 -6.48 10.41
N ILE B 211 -3.73 -7.36 9.46
CA ILE B 211 -2.49 -8.16 9.55
C ILE B 211 -1.23 -7.29 9.40
N LEU B 212 -1.29 -6.29 8.53
CA LEU B 212 -0.18 -5.36 8.38
C LEU B 212 0.07 -4.65 9.72
N ALA B 213 -1.00 -4.22 10.37
CA ALA B 213 -0.89 -3.56 11.68
C ALA B 213 -0.29 -4.50 12.74
N GLN B 214 -0.73 -5.76 12.73
CA GLN B 214 -0.21 -6.75 13.68
C GLN B 214 1.24 -7.09 13.42
N ILE B 215 1.61 -7.19 12.14
CA ILE B 215 2.96 -7.65 11.78
C ILE B 215 4.00 -6.54 11.94
N THR B 216 3.55 -5.31 11.78
CA THR B 216 4.46 -4.16 11.84
C THR B 216 5.51 -4.19 12.99
N PRO B 217 5.06 -4.35 14.23
CA PRO B 217 6.00 -4.27 15.37
C PRO B 217 7.02 -5.42 15.42
N PHE B 218 6.82 -6.48 14.65
CA PHE B 218 7.82 -7.56 14.58
C PHE B 218 9.05 -7.09 13.80
N ASP B 219 8.88 -6.03 13.03
CA ASP B 219 10.00 -5.41 12.33
C ASP B 219 10.66 -6.36 11.32
N PHE B 220 9.84 -7.09 10.57
CA PHE B 220 10.34 -7.81 9.40
C PHE B 220 10.74 -6.74 8.38
N HIS B 221 11.79 -7.00 7.62
CA HIS B 221 12.21 -5.99 6.65
C HIS B 221 11.68 -6.23 5.24
N ALA B 222 10.87 -7.27 5.10
CA ALA B 222 10.20 -7.57 3.85
C ALA B 222 8.90 -8.29 4.19
N LEU B 223 7.84 -7.98 3.42
CA LEU B 223 6.52 -8.52 3.64
C LEU B 223 5.92 -8.87 2.29
N GLN B 224 5.02 -9.84 2.26
CA GLN B 224 4.37 -10.24 1.03
C GLN B 224 2.96 -10.73 1.36
N GLY B 225 1.99 -10.43 0.50
CA GLY B 225 0.63 -10.88 0.74
C GLY B 225 -0.42 -10.23 -0.16
N CYS B 226 -1.68 -10.57 0.09
CA CYS B 226 -2.77 -10.15 -0.80
C CYS B 226 -2.99 -8.66 -0.86
N LEU B 227 -2.38 -7.91 0.06
CA LEU B 227 -2.45 -6.46 0.00
C LEU B 227 -1.82 -5.95 -1.28
N TRP B 228 -0.81 -6.68 -1.75
CA TRP B 228 -0.03 -6.25 -2.91
C TRP B 228 -0.03 -7.34 -3.97
N PRO B 229 -1.06 -7.34 -4.82
CA PRO B 229 -1.21 -8.40 -5.81
C PRO B 229 -0.19 -8.28 -6.94
N ALA B 230 0.00 -9.37 -7.67
CA ALA B 230 0.87 -9.36 -8.84
C ALA B 230 0.30 -8.44 -9.92
N VAL B 231 1.20 -7.97 -10.79
CA VAL B 231 0.82 -7.17 -11.96
C VAL B 231 1.56 -7.71 -13.17
N PRO B 232 1.06 -7.42 -14.38
CA PRO B 232 1.75 -7.91 -15.57
C PRO B 232 3.17 -7.35 -15.62
N ILE B 233 4.13 -8.14 -16.09
CA ILE B 233 5.53 -7.72 -16.07
C ILE B 233 5.77 -6.35 -16.70
N ASN B 234 5.01 -6.02 -17.74
CA ASN B 234 5.20 -4.72 -18.38
C ASN B 234 4.73 -3.53 -17.54
N GLN B 235 4.05 -3.81 -16.43
CA GLN B 235 3.60 -2.78 -15.48
C GLN B 235 4.56 -2.60 -14.30
N ILE B 236 5.76 -3.20 -14.39
CA ILE B 236 6.64 -3.19 -13.23
C ILE B 236 6.93 -1.80 -12.63
N THR B 237 7.10 -0.77 -13.46
CA THR B 237 7.43 0.55 -12.91
C THR B 237 6.29 1.13 -12.05
N THR B 238 5.07 0.62 -12.23
CA THR B 238 3.94 1.11 -11.45
C THR B 238 4.00 0.64 -10.00
N LEU B 239 4.89 -0.30 -9.69
CA LEU B 239 4.94 -0.89 -8.34
C LEU B 239 5.70 -0.03 -7.35
N VAL B 240 6.53 0.86 -7.87
CA VAL B 240 7.31 1.74 -7.02
C VAL B 240 6.37 2.68 -6.25
N GLN B 241 6.54 2.73 -4.94
CA GLN B 241 5.71 3.61 -4.13
C GLN B 241 6.13 5.07 -4.36
N ARG B 242 5.15 5.90 -4.73
CA ARG B 242 5.42 7.28 -5.09
C ARG B 242 4.41 8.22 -4.45
#